data_4CTE
#
_entry.id   4CTE
#
_cell.length_a   56.010
_cell.length_b   93.930
_cell.length_c   142.280
_cell.angle_alpha   90.00
_cell.angle_beta   90.00
_cell.angle_gamma   90.00
#
_symmetry.space_group_name_H-M   'P 21 21 21'
#
loop_
_entity.id
_entity.type
_entity.pdbx_description
1 polymer 'ENDO-1,3-BETA-GLUCANASE, FAMILY GH16'
2 branched 1-thio-beta-D-glucopyranose-(1-3)-1-thio-beta-D-glucopyranose
3 branched beta-D-glucopyranose-(1-3)-1-thio-beta-D-glucopyranose-(1-3)-1-thio-beta-D-glucopyranose
4 non-polymer 'CALCIUM ION'
5 non-polymer 'CHLORIDE ION'
6 non-polymer 1,2-ETHANEDIOL
7 non-polymer GLYCEROL
8 non-polymer 'ACETATE ION'
9 non-polymer 'SODIUM ION'
10 water water
#
_entity_poly.entity_id   1
_entity_poly.type   'polypeptide(L)'
_entity_poly.pdbx_seq_one_letter_code
;QDYNLVWQDEFDDGIGPDWVFETGMGYNGWGNNELQYYRRENAAVENGNLVITAKHENFGGAQYTSARMKTQGRKSFKYG
KIEARIALPSGQGLWPAFWMLGNNITSVSWPACGEIDIMSRINNALQTHGTIHWSDQNGDHASYGDDVGVSDPGQYHIYS
VEWDANSIKWFVDGQQFNEVDISNGVNGTGEFQNEFFILLNMAVGGDWPGFDVDQSKLPAQMLVDYVRVYQKG
;
_entity_poly.pdbx_strand_id   A,B
#
# COMPACT_ATOMS: atom_id res chain seq x y z
N ASP A 2 -25.01 16.38 37.57
CA ASP A 2 -23.65 15.74 37.71
C ASP A 2 -23.51 14.35 37.09
N TYR A 3 -22.49 14.21 36.24
CA TYR A 3 -22.12 12.94 35.65
C TYR A 3 -21.33 12.12 36.64
N ASN A 4 -21.71 10.86 36.81
CA ASN A 4 -20.96 9.88 37.62
C ASN A 4 -20.50 8.73 36.78
N LEU A 5 -19.30 8.22 37.10
CA LEU A 5 -18.72 7.05 36.42
C LEU A 5 -19.55 5.79 36.68
N VAL A 6 -20.06 5.17 35.62
CA VAL A 6 -20.87 3.94 35.79
C VAL A 6 -20.15 2.72 35.23
N TRP A 7 -19.23 2.94 34.28
CA TRP A 7 -18.43 1.87 33.72
C TRP A 7 -17.17 2.41 33.12
N GLN A 8 -16.15 1.58 33.17
CA GLN A 8 -14.90 1.92 32.54
C GLN A 8 -14.13 0.69 32.18
N ASP A 9 -13.17 0.87 31.28
CA ASP A 9 -12.18 -0.11 31.02
C ASP A 9 -10.94 0.73 30.80
N GLU A 10 -10.04 0.66 31.77
CA GLU A 10 -8.81 1.46 31.78
C GLU A 10 -7.67 0.72 31.12
N PHE A 11 -7.89 -0.58 30.79
CA PHE A 11 -6.85 -1.44 30.17
C PHE A 11 -5.53 -1.38 30.96
N ASP A 12 -5.61 -1.47 32.30
CA ASP A 12 -4.43 -1.40 33.16
C ASP A 12 -3.47 -2.57 32.95
N ASP A 13 -3.98 -3.80 32.97
CA ASP A 13 -3.11 -5.00 32.76
CA ASP A 13 -3.18 -5.04 32.86
C ASP A 13 -3.55 -5.98 31.70
N GLY A 14 -4.84 -5.96 31.32
CA GLY A 14 -5.40 -6.78 30.26
C GLY A 14 -6.70 -6.16 29.77
N ILE A 15 -7.36 -6.83 28.82
CA ILE A 15 -8.67 -6.46 28.24
C ILE A 15 -9.68 -6.86 29.30
N GLY A 16 -10.54 -5.92 29.72
CA GLY A 16 -11.58 -6.19 30.75
C GLY A 16 -12.59 -7.29 30.39
N PRO A 17 -13.40 -7.74 31.37
CA PRO A 17 -14.32 -8.86 31.10
C PRO A 17 -15.54 -8.55 30.18
N ASP A 18 -15.77 -7.28 29.83
CA ASP A 18 -17.00 -6.93 29.06
C ASP A 18 -16.85 -6.89 27.58
N TRP A 19 -15.69 -7.32 27.08
CA TRP A 19 -15.46 -7.32 25.62
C TRP A 19 -15.61 -8.68 25.00
N VAL A 20 -16.27 -8.70 23.85
CA VAL A 20 -16.44 -9.88 23.01
C VAL A 20 -15.63 -9.54 21.75
N PHE A 21 -14.87 -10.51 21.25
CA PHE A 21 -14.08 -10.29 20.02
C PHE A 21 -14.80 -10.84 18.84
N GLU A 22 -14.83 -10.06 17.76
CA GLU A 22 -15.45 -10.56 16.54
C GLU A 22 -14.34 -11.06 15.66
N THR A 23 -14.69 -11.96 14.75
CA THR A 23 -13.70 -12.56 13.87
C THR A 23 -14.24 -12.66 12.43
N GLY A 24 -13.33 -12.67 11.47
CA GLY A 24 -13.71 -12.83 10.07
C GLY A 24 -14.04 -11.56 9.37
N MET A 25 -14.81 -11.73 8.31
CA MET A 25 -15.10 -10.67 7.37
C MET A 25 -16.58 -10.28 7.38
N GLY A 26 -17.34 -10.90 8.29
CA GLY A 26 -18.78 -10.65 8.39
C GLY A 26 -19.45 -10.97 7.06
N TYR A 27 -20.43 -10.16 6.70
CA TYR A 27 -21.20 -10.34 5.48
C TYR A 27 -20.82 -9.17 4.60
N ASN A 28 -20.27 -9.48 3.42
CA ASN A 28 -19.75 -8.48 2.47
C ASN A 28 -18.80 -7.49 3.14
N GLY A 29 -17.77 -8.01 3.84
CA GLY A 29 -16.74 -7.14 4.50
C GLY A 29 -17.38 -6.22 5.53
N TRP A 30 -18.09 -6.83 6.50
CA TRP A 30 -18.80 -6.10 7.58
C TRP A 30 -19.77 -5.08 7.02
N GLY A 31 -20.43 -5.44 5.90
CA GLY A 31 -21.43 -4.59 5.25
C GLY A 31 -20.86 -3.43 4.47
N ASN A 32 -19.53 -3.29 4.47
CA ASN A 32 -18.89 -2.17 3.79
C ASN A 32 -17.76 -2.53 2.84
N ASN A 33 -17.71 -3.79 2.41
CA ASN A 33 -16.67 -4.32 1.51
C ASN A 33 -15.26 -4.10 2.10
N GLU A 34 -15.14 -4.16 3.44
CA GLU A 34 -13.85 -4.03 4.16
C GLU A 34 -12.92 -5.19 3.79
N LEU A 35 -11.61 -4.95 3.96
CA LEU A 35 -10.61 -5.94 3.48
C LEU A 35 -9.98 -6.80 4.54
N GLN A 36 -10.18 -6.45 5.82
CA GLN A 36 -9.51 -7.20 6.87
C GLN A 36 -10.34 -8.41 7.37
N TYR A 37 -9.62 -9.37 7.96
CA TYR A 37 -10.21 -10.51 8.61
C TYR A 37 -9.94 -10.22 10.07
N TYR A 38 -11.00 -10.05 10.84
CA TYR A 38 -10.77 -9.76 12.26
C TYR A 38 -10.32 -10.99 13.05
N ARG A 39 -9.42 -10.78 14.01
CA ARG A 39 -8.93 -11.86 14.84
C ARG A 39 -8.80 -11.40 16.25
N ARG A 40 -8.95 -12.34 17.20
CA ARG A 40 -8.69 -12.07 18.61
C ARG A 40 -7.22 -11.63 18.78
N GLU A 41 -6.34 -12.26 17.99
CA GLU A 41 -4.88 -12.08 18.10
C GLU A 41 -4.40 -10.67 17.80
N ASN A 42 -5.18 -9.88 17.05
CA ASN A 42 -4.80 -8.51 16.73
C ASN A 42 -5.14 -7.48 17.77
N ALA A 43 -5.55 -7.93 18.94
CA ALA A 43 -5.86 -7.03 20.06
C ALA A 43 -5.04 -7.49 21.22
N ALA A 44 -4.39 -6.53 21.89
CA ALA A 44 -3.54 -6.80 23.06
C ALA A 44 -3.50 -5.57 23.94
N VAL A 45 -2.95 -5.72 25.14
CA VAL A 45 -2.74 -4.60 26.05
C VAL A 45 -1.23 -4.36 26.21
N GLU A 46 -0.84 -3.10 26.07
CA GLU A 46 0.54 -2.69 26.27
C GLU A 46 0.50 -1.35 26.96
N ASN A 47 1.36 -1.19 27.97
CA ASN A 47 1.54 0.09 28.66
C ASN A 47 0.24 0.77 29.04
N GLY A 48 -0.74 -0.01 29.48
CA GLY A 48 -2.02 0.55 29.90
C GLY A 48 -2.97 0.95 28.78
N ASN A 49 -2.70 0.45 27.56
CA ASN A 49 -3.56 0.73 26.42
C ASN A 49 -4.05 -0.54 25.77
N LEU A 50 -5.30 -0.54 25.31
CA LEU A 50 -5.71 -1.50 24.34
C LEU A 50 -4.98 -1.12 23.05
N VAL A 51 -4.41 -2.13 22.39
CA VAL A 51 -3.70 -1.93 21.12
C VAL A 51 -4.43 -2.76 20.07
N ILE A 52 -5.07 -2.12 19.10
CA ILE A 52 -5.63 -2.88 18.00
C ILE A 52 -4.62 -2.70 16.89
N THR A 53 -4.11 -3.81 16.36
CA THR A 53 -3.08 -3.76 15.30
C THR A 53 -3.64 -4.25 13.97
N ALA A 54 -3.56 -3.40 12.93
CA ALA A 54 -3.92 -3.84 11.58
C ALA A 54 -2.63 -4.33 10.98
N LYS A 55 -2.66 -5.51 10.35
CA LYS A 55 -1.45 -6.11 9.80
C LYS A 55 -1.62 -6.50 8.35
N HIS A 56 -0.53 -6.48 7.60
CA HIS A 56 -0.56 -6.97 6.24
C HIS A 56 -0.26 -8.43 6.38
N GLU A 57 -1.26 -9.28 6.31
CA GLU A 57 -1.11 -10.70 6.60
C GLU A 57 -2.21 -11.49 5.94
N ASN A 58 -1.90 -12.54 5.19
CA ASN A 58 -2.94 -13.39 4.60
C ASN A 58 -3.63 -14.23 5.69
N PHE A 59 -4.96 -14.09 5.84
CA PHE A 59 -5.67 -14.95 6.79
C PHE A 59 -7.11 -15.10 6.40
N GLY A 60 -7.53 -16.37 6.28
CA GLY A 60 -8.95 -16.69 5.99
C GLY A 60 -9.39 -16.11 4.65
N GLY A 61 -8.47 -16.00 3.68
CA GLY A 61 -8.81 -15.44 2.36
C GLY A 61 -8.74 -13.90 2.31
N ALA A 62 -8.46 -13.25 3.45
CA ALA A 62 -8.19 -11.80 3.47
C ALA A 62 -6.67 -11.55 3.42
N GLN A 63 -6.31 -10.34 2.95
CA GLN A 63 -4.90 -9.92 2.86
C GLN A 63 -4.50 -9.10 4.10
N TYR A 64 -5.47 -8.79 4.95
CA TYR A 64 -5.18 -8.01 6.15
C TYR A 64 -5.88 -8.61 7.34
N THR A 65 -5.33 -8.36 8.53
CA THR A 65 -5.97 -8.73 9.76
C THR A 65 -6.02 -7.49 10.67
N SER A 66 -7.03 -7.45 11.55
CA SER A 66 -7.14 -6.40 12.54
C SER A 66 -8.03 -6.96 13.66
N ALA A 67 -8.59 -6.07 14.50
CA ALA A 67 -9.50 -6.52 15.55
C ALA A 67 -10.72 -5.64 15.65
N ARG A 68 -11.82 -6.27 16.06
CA ARG A 68 -13.09 -5.62 16.31
C ARG A 68 -13.61 -6.23 17.60
N MET A 69 -13.98 -5.33 18.50
CA MET A 69 -14.43 -5.71 19.86
C MET A 69 -15.74 -5.02 20.18
N LYS A 70 -16.60 -5.66 20.98
CA LYS A 70 -17.90 -5.10 21.27
C LYS A 70 -18.26 -5.47 22.69
N THR A 71 -19.13 -4.69 23.30
CA THR A 71 -19.59 -5.01 24.67
C THR A 71 -20.97 -5.68 24.67
N GLN A 72 -21.48 -6.01 23.47
CA GLN A 72 -22.80 -6.64 23.29
C GLN A 72 -23.02 -7.84 24.18
N GLY A 73 -24.12 -7.82 24.94
CA GLY A 73 -24.53 -8.88 25.86
C GLY A 73 -23.83 -8.81 27.20
N ARG A 74 -23.03 -7.75 27.40
CA ARG A 74 -22.21 -7.58 28.60
C ARG A 74 -22.30 -6.19 29.24
N LYS A 75 -22.24 -5.13 28.44
CA LYS A 75 -22.38 -3.81 29.01
C LYS A 75 -23.12 -3.02 27.95
N SER A 76 -24.23 -2.43 28.35
CA SER A 76 -24.98 -1.56 27.43
C SER A 76 -25.50 -0.37 28.23
N PHE A 77 -25.75 0.71 27.49
CA PHE A 77 -26.05 2.01 28.07
C PHE A 77 -27.17 2.72 27.35
N LYS A 78 -28.07 3.32 28.13
CA LYS A 78 -29.12 4.18 27.60
C LYS A 78 -28.82 5.55 28.17
N TYR A 79 -28.34 6.44 27.29
CA TYR A 79 -27.84 7.83 27.60
C TYR A 79 -26.48 7.76 28.29
N GLY A 80 -25.81 8.92 28.32
CA GLY A 80 -24.57 9.08 29.05
C GLY A 80 -23.51 9.88 28.30
N LYS A 81 -22.40 10.14 29.00
CA LYS A 81 -21.21 10.71 28.44
C LYS A 81 -20.33 9.48 28.22
N ILE A 82 -20.17 9.12 26.95
CA ILE A 82 -19.45 7.94 26.51
C ILE A 82 -18.23 8.47 25.79
N GLU A 83 -17.07 8.13 26.35
CA GLU A 83 -15.83 8.70 25.91
C GLU A 83 -14.74 7.67 25.80
N ALA A 84 -13.72 8.00 25.02
CA ALA A 84 -12.50 7.17 24.94
C ALA A 84 -11.33 8.05 24.60
N ARG A 85 -10.17 7.74 25.19
CA ARG A 85 -8.93 8.44 24.91
C ARG A 85 -8.15 7.57 23.92
N ILE A 86 -8.09 8.07 22.67
CA ILE A 86 -7.58 7.31 21.55
C ILE A 86 -6.52 8.10 20.76
N ALA A 87 -5.48 7.37 20.35
CA ALA A 87 -4.39 7.82 19.52
C ALA A 87 -4.48 6.96 18.22
N LEU A 88 -4.44 7.61 17.06
CA LEU A 88 -4.63 6.91 15.80
C LEU A 88 -3.42 6.84 14.89
N PRO A 89 -3.24 5.70 14.14
CA PRO A 89 -2.13 5.63 13.18
C PRO A 89 -2.60 6.28 11.90
N SER A 90 -1.70 6.64 10.99
CA SER A 90 -2.12 7.26 9.78
C SER A 90 -1.60 6.44 8.61
N GLY A 91 -2.48 6.19 7.68
CA GLY A 91 -2.08 5.44 6.48
C GLY A 91 -3.30 5.26 5.66
N GLN A 92 -3.10 5.40 4.35
CA GLN A 92 -4.16 5.18 3.40
C GLN A 92 -4.77 3.76 3.57
N GLY A 93 -6.12 3.67 3.62
CA GLY A 93 -6.89 2.47 3.85
C GLY A 93 -7.35 2.22 5.28
N LEU A 94 -6.72 2.88 6.25
CA LEU A 94 -7.04 2.67 7.68
C LEU A 94 -8.36 3.34 8.05
N TRP A 95 -9.21 2.62 8.77
CA TRP A 95 -10.51 3.15 9.12
C TRP A 95 -10.90 2.78 10.52
N PRO A 96 -10.29 3.42 11.50
CA PRO A 96 -10.65 3.16 12.89
C PRO A 96 -12.04 3.73 13.26
N ALA A 97 -12.66 3.15 14.30
CA ALA A 97 -13.98 3.64 14.75
C ALA A 97 -14.21 3.29 16.19
N PHE A 98 -14.92 4.18 16.88
CA PHE A 98 -15.36 4.06 18.28
C PHE A 98 -16.82 4.42 18.18
N TRP A 99 -17.67 3.42 18.41
CA TRP A 99 -19.07 3.57 18.08
C TRP A 99 -19.97 2.70 18.90
N MET A 100 -21.28 2.82 18.63
CA MET A 100 -22.31 2.15 19.41
C MET A 100 -23.42 1.68 18.51
N LEU A 101 -24.01 0.54 18.88
CA LEU A 101 -25.14 -0.04 18.19
C LEU A 101 -26.20 -0.40 19.18
N GLY A 102 -27.46 -0.26 18.78
CA GLY A 102 -28.58 -0.64 19.65
C GLY A 102 -28.58 -2.13 19.95
N ASN A 103 -28.86 -2.46 21.21
CA ASN A 103 -29.04 -3.85 21.65
C ASN A 103 -30.01 -4.64 20.79
N ASN A 104 -31.05 -3.96 20.30
CA ASN A 104 -32.11 -4.62 19.53
C ASN A 104 -31.69 -4.98 18.10
N ILE A 105 -30.41 -4.80 17.75
CA ILE A 105 -29.84 -5.21 16.44
C ILE A 105 -30.24 -6.66 16.16
N THR A 106 -30.28 -7.47 17.22
CA THR A 106 -30.70 -8.87 17.27
C THR A 106 -32.09 -9.14 16.67
N SER A 107 -33.01 -8.22 16.89
CA SER A 107 -34.39 -8.38 16.42
C SER A 107 -34.80 -7.42 15.30
N VAL A 108 -34.24 -6.20 15.24
CA VAL A 108 -34.66 -5.20 14.21
C VAL A 108 -33.65 -4.98 13.09
N SER A 109 -32.46 -5.55 13.23
CA SER A 109 -31.36 -5.44 12.24
C SER A 109 -30.81 -4.00 12.17
N TRP A 110 -29.98 -3.72 11.17
CA TRP A 110 -29.34 -2.42 10.94
C TRP A 110 -29.93 -1.79 9.68
N PRO A 111 -30.16 -0.44 9.63
CA PRO A 111 -29.94 0.63 10.63
C PRO A 111 -31.06 0.82 11.65
N ALA A 112 -32.11 -0.03 11.59
CA ALA A 112 -33.25 0.11 12.49
C ALA A 112 -32.86 0.09 13.99
N CYS A 113 -31.77 -0.61 14.33
CA CYS A 113 -31.24 -0.64 15.71
C CYS A 113 -30.65 0.69 16.15
N GLY A 114 -30.26 1.54 15.19
CA GLY A 114 -29.63 2.82 15.51
C GLY A 114 -28.13 2.60 15.70
N GLU A 115 -27.39 3.64 15.36
CA GLU A 115 -25.95 3.56 15.43
C GLU A 115 -25.42 4.92 15.77
N ILE A 116 -24.54 4.97 16.77
CA ILE A 116 -23.85 6.20 17.16
C ILE A 116 -22.33 6.03 16.92
N ASP A 117 -21.84 6.68 15.90
CA ASP A 117 -20.39 6.74 15.58
C ASP A 117 -19.84 7.91 16.37
N ILE A 118 -19.16 7.61 17.47
CA ILE A 118 -18.59 8.67 18.32
C ILE A 118 -17.39 9.28 17.60
N MET A 119 -16.55 8.39 17.07
CA MET A 119 -15.42 8.79 16.27
C MET A 119 -15.22 7.80 15.16
N SER A 120 -15.07 8.31 13.94
CA SER A 120 -14.52 7.50 12.84
C SER A 120 -13.59 8.41 12.03
N ARG A 121 -12.60 7.77 11.39
CA ARG A 121 -11.62 8.47 10.60
C ARG A 121 -11.24 7.59 9.42
N ILE A 122 -10.89 8.21 8.30
CA ILE A 122 -10.37 7.41 7.20
C ILE A 122 -9.01 7.93 6.74
N ASN A 123 -8.15 7.00 6.30
CA ASN A 123 -6.88 7.35 5.63
C ASN A 123 -5.96 8.25 6.45
N ASN A 124 -5.47 9.34 5.85
CA ASN A 124 -4.60 10.34 6.50
C ASN A 124 -5.33 11.63 6.83
N ALA A 125 -6.67 11.62 6.79
CA ALA A 125 -7.47 12.83 7.01
C ALA A 125 -7.15 13.54 8.36
N LEU A 126 -7.09 14.87 8.31
CA LEU A 126 -6.96 15.70 9.55
C LEU A 126 -8.37 16.13 10.03
N GLN A 127 -9.30 15.17 9.95
CA GLN A 127 -10.70 15.30 10.27
C GLN A 127 -11.21 13.99 10.79
N THR A 128 -12.05 14.05 11.82
CA THR A 128 -12.75 12.86 12.32
C THR A 128 -14.24 13.14 12.18
N HIS A 129 -15.05 12.10 12.25
CA HIS A 129 -16.49 12.24 12.02
C HIS A 129 -17.26 11.82 13.20
N GLY A 130 -18.47 12.35 13.29
CA GLY A 130 -19.44 12.05 14.34
C GLY A 130 -20.75 11.87 13.59
N THR A 131 -21.37 10.69 13.74
CA THR A 131 -22.50 10.33 12.90
C THR A 131 -23.49 9.44 13.55
N ILE A 132 -24.74 9.55 13.12
CA ILE A 132 -25.78 8.59 13.51
C ILE A 132 -26.34 7.95 12.24
N HIS A 133 -26.73 6.69 12.36
CA HIS A 133 -27.44 6.00 11.28
C HIS A 133 -28.68 5.43 11.89
N TRP A 134 -29.80 5.50 11.17
CA TRP A 134 -31.09 4.96 11.68
C TRP A 134 -32.07 4.67 10.54
N SER A 135 -33.25 4.16 10.88
CA SER A 135 -34.34 3.92 9.93
C SER A 135 -35.36 4.99 10.30
N ASP A 136 -35.59 5.95 9.38
CA ASP A 136 -36.58 7.02 9.61
C ASP A 136 -38.02 6.48 9.51
N GLN A 137 -39.00 7.38 9.67
CA GLN A 137 -40.45 7.07 9.64
C GLN A 137 -40.90 6.40 8.32
N ASN A 138 -40.19 6.70 7.24
CA ASN A 138 -40.44 6.10 5.92
C ASN A 138 -39.78 4.71 5.75
N GLY A 139 -39.00 4.32 6.76
CA GLY A 139 -38.28 3.04 6.75
C GLY A 139 -37.02 3.09 5.91
N ASP A 140 -36.49 4.29 5.67
CA ASP A 140 -35.28 4.50 4.88
C ASP A 140 -34.03 4.62 5.76
N HIS A 141 -32.90 4.08 5.25
CA HIS A 141 -31.57 4.20 5.85
CA HIS A 141 -31.57 4.21 5.90
C HIS A 141 -31.25 5.68 5.88
N ALA A 142 -31.27 6.26 7.06
CA ALA A 142 -30.99 7.68 7.25
C ALA A 142 -29.67 7.79 7.97
N SER A 143 -29.00 8.92 7.79
CA SER A 143 -27.76 9.23 8.49
C SER A 143 -27.63 10.74 8.60
N TYR A 144 -26.99 11.17 9.67
CA TYR A 144 -26.73 12.58 9.94
C TYR A 144 -25.37 12.62 10.59
N GLY A 145 -24.46 13.38 10.01
CA GLY A 145 -23.13 13.44 10.54
C GLY A 145 -22.39 14.69 10.18
N ASP A 146 -21.30 14.90 10.90
CA ASP A 146 -20.45 16.06 10.70
C ASP A 146 -19.01 15.67 10.97
N ASP A 147 -18.09 16.53 10.56
CA ASP A 147 -16.66 16.34 10.86
C ASP A 147 -16.08 17.51 11.65
N VAL A 148 -14.90 17.29 12.19
CA VAL A 148 -14.16 18.27 12.98
C VAL A 148 -12.69 18.11 12.63
N GLY A 149 -12.01 19.25 12.53
CA GLY A 149 -10.57 19.26 12.27
C GLY A 149 -9.84 18.71 13.47
N VAL A 150 -8.94 17.75 13.23
CA VAL A 150 -8.08 17.17 14.24
C VAL A 150 -6.72 17.17 13.56
N SER A 151 -5.90 18.14 14.02
CA SER A 151 -4.66 18.30 13.29
CA SER A 151 -4.58 18.43 13.47
C SER A 151 -3.54 17.37 13.69
N ASP A 152 -3.61 16.70 14.84
CA ASP A 152 -2.61 15.70 15.26
C ASP A 152 -3.33 14.41 15.70
N PRO A 153 -3.99 13.67 14.77
CA PRO A 153 -4.74 12.47 15.19
C PRO A 153 -3.87 11.37 15.79
N GLY A 154 -2.55 11.44 15.52
CA GLY A 154 -1.54 10.50 16.05
C GLY A 154 -1.37 10.69 17.55
N GLN A 155 -1.78 11.86 18.04
CA GLN A 155 -1.78 12.16 19.47
C GLN A 155 -3.05 11.65 20.16
N TYR A 156 -3.04 11.47 21.47
CA TYR A 156 -4.30 11.16 22.18
C TYR A 156 -5.32 12.31 22.11
N HIS A 157 -6.58 11.94 21.90
CA HIS A 157 -7.71 12.88 21.96
C HIS A 157 -8.86 12.17 22.58
N ILE A 158 -9.65 12.89 23.40
CA ILE A 158 -10.83 12.35 24.03
CA ILE A 158 -10.83 12.33 24.03
C ILE A 158 -11.99 12.54 23.06
N TYR A 159 -12.49 11.42 22.56
CA TYR A 159 -13.64 11.43 21.66
C TYR A 159 -14.83 11.11 22.54
N SER A 160 -15.91 11.90 22.48
CA SER A 160 -17.08 11.65 23.34
CA SER A 160 -17.08 11.69 23.36
C SER A 160 -18.38 12.09 22.72
N VAL A 161 -19.46 11.50 23.21
CA VAL A 161 -20.78 11.98 22.89
C VAL A 161 -21.38 12.28 24.26
N GLU A 162 -22.30 13.24 24.30
CA GLU A 162 -23.17 13.43 25.47
C GLU A 162 -24.52 13.13 24.87
N TRP A 163 -25.10 12.07 25.39
CA TRP A 163 -26.37 11.58 24.89
C TRP A 163 -27.40 11.59 25.97
N ASP A 164 -28.55 12.18 25.67
CA ASP A 164 -29.72 12.20 26.54
C ASP A 164 -31.00 12.05 25.77
N ALA A 165 -32.16 12.16 26.42
CA ALA A 165 -33.44 11.86 25.76
C ALA A 165 -33.78 12.80 24.61
N ASN A 166 -33.15 13.96 24.55
CA ASN A 166 -33.45 14.98 23.52
C ASN A 166 -32.43 15.24 22.43
N SER A 167 -31.17 14.92 22.71
CA SER A 167 -30.10 15.21 21.78
C SER A 167 -28.87 14.34 21.97
N ILE A 168 -28.08 14.29 20.92
CA ILE A 168 -26.74 13.68 20.94
C ILE A 168 -25.81 14.83 20.53
N LYS A 169 -24.78 15.04 21.34
CA LYS A 169 -23.78 16.06 21.11
C LYS A 169 -22.46 15.35 21.02
N TRP A 170 -21.65 15.73 20.03
CA TRP A 170 -20.33 15.15 19.80
C TRP A 170 -19.26 16.10 20.21
N PHE A 171 -18.18 15.54 20.75
CA PHE A 171 -17.04 16.32 21.20
C PHE A 171 -15.71 15.67 20.83
N VAL A 172 -14.72 16.52 20.55
CA VAL A 172 -13.32 16.12 20.53
C VAL A 172 -12.66 17.00 21.58
N ASP A 173 -12.00 16.38 22.56
CA ASP A 173 -11.33 17.13 23.65
C ASP A 173 -12.26 18.18 24.31
N GLY A 174 -13.53 17.84 24.50
CA GLY A 174 -14.50 18.78 25.06
C GLY A 174 -14.99 19.88 24.12
N GLN A 175 -14.51 19.92 22.87
CA GLN A 175 -15.01 20.89 21.87
C GLN A 175 -16.18 20.25 21.15
N GLN A 176 -17.37 20.82 21.36
CA GLN A 176 -18.55 20.36 20.65
C GLN A 176 -18.41 20.64 19.15
N PHE A 177 -18.70 19.64 18.31
CA PHE A 177 -18.61 19.89 16.86
C PHE A 177 -19.85 19.47 16.07
N ASN A 178 -20.78 18.76 16.71
CA ASN A 178 -22.01 18.29 16.11
C ASN A 178 -23.09 18.08 17.19
N GLU A 179 -24.35 18.18 16.78
CA GLU A 179 -25.52 17.92 17.57
C GLU A 179 -26.66 17.49 16.65
N VAL A 180 -27.45 16.53 17.12
CA VAL A 180 -28.72 16.09 16.50
C VAL A 180 -29.79 16.12 17.58
N ASP A 181 -30.97 16.61 17.23
CA ASP A 181 -32.11 16.62 18.11
C ASP A 181 -32.80 15.26 17.89
N ILE A 182 -32.95 14.50 18.97
CA ILE A 182 -33.69 13.19 18.99
C ILE A 182 -34.98 13.23 19.83
N SER A 183 -35.26 14.40 20.45
CA SER A 183 -36.43 14.68 21.33
C SER A 183 -37.73 14.16 20.76
N ASN A 184 -38.45 13.43 21.63
CA ASN A 184 -39.75 12.79 21.30
C ASN A 184 -39.71 11.88 20.04
N GLY A 185 -38.52 11.34 19.76
CA GLY A 185 -38.29 10.47 18.61
C GLY A 185 -38.58 11.00 17.22
N VAL A 186 -38.44 12.32 17.02
CA VAL A 186 -38.67 13.01 15.72
C VAL A 186 -37.88 12.33 14.54
N ASN A 187 -38.46 12.32 13.33
CA ASN A 187 -37.87 11.68 12.09
C ASN A 187 -37.44 10.23 12.25
N GLY A 188 -38.14 9.47 13.11
CA GLY A 188 -37.82 8.05 13.39
C GLY A 188 -36.65 7.76 14.32
N THR A 189 -36.22 8.79 15.08
CA THR A 189 -35.07 8.72 16.03
C THR A 189 -35.42 8.20 17.43
N GLY A 190 -36.63 7.62 17.55
CA GLY A 190 -37.12 6.96 18.79
C GLY A 190 -36.18 5.82 19.16
N GLU A 191 -35.58 5.21 18.12
CA GLU A 191 -34.62 4.10 18.29
CA GLU A 191 -34.56 4.16 18.17
C GLU A 191 -33.38 4.51 19.13
N PHE A 192 -33.13 5.81 19.32
CA PHE A 192 -32.05 6.32 20.21
C PHE A 192 -32.43 6.52 21.68
N GLN A 193 -33.64 6.09 22.03
CA GLN A 193 -34.08 6.04 23.42
C GLN A 193 -33.95 4.60 23.93
N ASN A 194 -33.07 3.80 23.35
CA ASN A 194 -32.91 2.42 23.78
C ASN A 194 -31.50 2.24 24.29
N GLU A 195 -31.19 1.08 24.88
CA GLU A 195 -29.83 0.76 25.31
C GLU A 195 -28.94 0.42 24.09
N PHE A 196 -27.68 0.86 24.12
CA PHE A 196 -26.65 0.60 23.12
C PHE A 196 -25.39 0.01 23.73
N PHE A 197 -24.76 -0.92 23.01
CA PHE A 197 -23.43 -1.42 23.39
C PHE A 197 -22.34 -0.68 22.59
N ILE A 198 -21.09 -0.82 23.05
CA ILE A 198 -19.96 -0.12 22.48
C ILE A 198 -19.11 -1.03 21.62
N LEU A 199 -18.58 -0.48 20.52
CA LEU A 199 -17.62 -1.21 19.67
C LEU A 199 -16.34 -0.39 19.49
N LEU A 200 -15.23 -1.11 19.34
CA LEU A 200 -13.95 -0.52 18.94
C LEU A 200 -13.41 -1.38 17.83
N ASN A 201 -12.93 -0.80 16.73
CA ASN A 201 -12.26 -1.57 15.70
C ASN A 201 -11.37 -0.71 14.84
N MET A 202 -10.58 -1.39 14.00
CA MET A 202 -9.86 -0.70 12.92
C MET A 202 -9.97 -1.55 11.62
N ALA A 203 -10.76 -1.05 10.69
CA ALA A 203 -10.95 -1.73 9.42
C ALA A 203 -9.79 -1.35 8.50
N VAL A 204 -9.55 -2.17 7.47
CA VAL A 204 -8.52 -1.88 6.47
C VAL A 204 -9.31 -1.91 5.18
N GLY A 205 -9.45 -0.75 4.55
CA GLY A 205 -10.22 -0.62 3.31
C GLY A 205 -11.72 -0.69 3.51
N GLY A 206 -12.43 -0.43 2.43
CA GLY A 206 -13.90 -0.44 2.46
C GLY A 206 -14.50 0.72 1.69
N ASP A 207 -15.83 0.74 1.63
N ASP A 207 -15.85 0.74 1.65
CA ASP A 207 -16.57 1.74 0.83
CA ASP A 207 -16.62 1.72 0.87
C ASP A 207 -16.20 3.18 1.18
C ASP A 207 -16.23 3.18 1.20
N TRP A 208 -15.94 3.45 2.47
CA TRP A 208 -15.59 4.80 2.90
C TRP A 208 -14.12 5.17 2.67
N PRO A 209 -13.14 4.45 3.25
CA PRO A 209 -11.75 4.87 2.98
C PRO A 209 -11.23 4.53 1.57
N GLY A 210 -11.88 3.61 0.87
CA GLY A 210 -11.36 3.19 -0.45
C GLY A 210 -10.64 1.88 -0.41
N PHE A 211 -10.15 1.43 -1.56
CA PHE A 211 -9.52 0.11 -1.62
C PHE A 211 -8.01 0.17 -1.84
N ASP A 212 -7.44 1.38 -1.80
CA ASP A 212 -5.98 1.55 -1.85
C ASP A 212 -5.51 1.50 -0.43
N VAL A 213 -4.47 0.70 -0.18
CA VAL A 213 -3.90 0.59 1.16
C VAL A 213 -2.42 0.88 1.10
N ASP A 214 -1.99 1.81 1.95
CA ASP A 214 -0.55 2.08 2.09
C ASP A 214 0.02 1.00 3.04
N GLN A 215 0.52 -0.06 2.45
CA GLN A 215 0.97 -1.22 3.25
C GLN A 215 2.28 -0.93 4.02
N SER A 216 3.01 0.12 3.62
CA SER A 216 4.25 0.50 4.31
C SER A 216 3.89 1.12 5.68
N LYS A 217 2.63 1.48 5.91
CA LYS A 217 2.19 1.99 7.24
C LYS A 217 1.68 0.83 8.14
N LEU A 218 1.81 -0.41 7.65
CA LEU A 218 1.40 -1.61 8.42
C LEU A 218 2.65 -2.31 8.93
N PRO A 219 2.63 -2.89 10.18
CA PRO A 219 1.51 -2.96 11.13
C PRO A 219 1.18 -1.57 11.68
N ALA A 220 -0.11 -1.24 11.79
CA ALA A 220 -0.58 0.05 12.31
C ALA A 220 -1.29 -0.18 13.61
N GLN A 221 -1.00 0.68 14.59
CA GLN A 221 -1.59 0.53 15.92
C GLN A 221 -2.57 1.62 16.27
N MET A 222 -3.78 1.20 16.66
CA MET A 222 -4.77 2.09 17.24
C MET A 222 -4.61 1.89 18.76
N LEU A 223 -4.44 3.00 19.51
CA LEU A 223 -4.21 2.92 20.95
C LEU A 223 -5.41 3.48 21.69
N VAL A 224 -5.97 2.71 22.61
CA VAL A 224 -7.11 3.20 23.37
C VAL A 224 -6.65 3.16 24.81
N ASP A 225 -6.44 4.33 25.39
CA ASP A 225 -6.05 4.42 26.82
C ASP A 225 -7.20 3.95 27.71
N TYR A 226 -8.44 4.28 27.33
CA TYR A 226 -9.61 3.89 28.11
C TYR A 226 -10.90 4.17 27.38
N VAL A 227 -11.97 3.54 27.87
CA VAL A 227 -13.35 3.79 27.49
C VAL A 227 -14.00 4.00 28.87
N ARG A 228 -14.75 5.10 28.96
CA ARG A 228 -15.48 5.45 30.19
C ARG A 228 -16.86 5.86 29.84
N VAL A 229 -17.78 5.48 30.71
CA VAL A 229 -19.16 5.91 30.59
C VAL A 229 -19.58 6.55 31.90
N TYR A 230 -20.10 7.77 31.77
CA TYR A 230 -20.67 8.53 32.88
C TYR A 230 -22.14 8.71 32.60
N GLN A 231 -22.95 8.74 33.65
CA GLN A 231 -24.40 9.00 33.54
C GLN A 231 -24.78 9.91 34.66
N LYS A 232 -25.83 10.70 34.45
CA LYS A 232 -26.32 11.57 35.53
C LYS A 232 -27.39 10.85 36.35
N ASP B 2 36.35 5.87 -30.85
CA ASP B 2 35.24 6.85 -31.05
C ASP B 2 33.87 6.19 -31.26
N TYR B 3 32.98 6.48 -30.31
CA TYR B 3 31.59 5.98 -30.31
C TYR B 3 30.70 6.64 -31.35
N ASN B 4 30.02 5.83 -32.14
CA ASN B 4 29.03 6.34 -33.08
C ASN B 4 27.68 5.76 -32.70
N LEU B 5 26.62 6.55 -32.83
CA LEU B 5 25.26 6.08 -32.52
C LEU B 5 24.87 5.01 -33.52
N VAL B 6 24.52 3.82 -33.02
CA VAL B 6 24.09 2.77 -34.00
C VAL B 6 22.60 2.43 -33.88
N TRP B 7 21.95 2.81 -32.76
CA TRP B 7 20.55 2.52 -32.57
C TRP B 7 19.98 3.46 -31.54
N GLN B 8 18.72 3.84 -31.75
CA GLN B 8 18.04 4.67 -30.76
C GLN B 8 16.56 4.48 -30.79
N ASP B 9 15.94 4.80 -29.65
CA ASP B 9 14.51 5.04 -29.64
C ASP B 9 14.31 6.32 -28.82
N GLU B 10 13.88 7.38 -29.52
CA GLU B 10 13.67 8.69 -28.89
C GLU B 10 12.26 8.89 -28.37
N PHE B 11 11.37 7.91 -28.64
CA PHE B 11 9.94 7.97 -28.27
C PHE B 11 9.30 9.29 -28.58
N ASP B 12 9.57 9.80 -29.77
CA ASP B 12 9.05 11.07 -30.25
C ASP B 12 7.53 11.13 -30.21
N ASP B 13 6.89 10.13 -30.79
CA ASP B 13 5.41 10.06 -30.87
C ASP B 13 4.81 8.73 -30.55
N GLY B 14 5.62 7.69 -30.49
CA GLY B 14 5.10 6.34 -30.21
C GLY B 14 6.30 5.48 -29.92
N ILE B 15 6.01 4.21 -29.66
CA ILE B 15 7.01 3.21 -29.35
C ILE B 15 7.58 2.70 -30.64
N GLY B 16 8.91 2.68 -30.70
CA GLY B 16 9.59 2.25 -31.94
C GLY B 16 9.31 0.77 -32.23
N PRO B 17 9.71 0.32 -33.41
CA PRO B 17 9.36 -1.04 -33.87
C PRO B 17 10.24 -2.16 -33.32
N ASP B 18 11.21 -1.84 -32.44
CA ASP B 18 12.15 -2.87 -32.00
C ASP B 18 11.78 -3.38 -30.61
N TRP B 19 10.59 -3.06 -30.17
CA TRP B 19 10.17 -3.45 -28.78
C TRP B 19 9.08 -4.50 -28.85
N VAL B 20 9.25 -5.55 -28.06
CA VAL B 20 8.29 -6.61 -27.81
C VAL B 20 7.75 -6.35 -26.40
N PHE B 21 6.43 -6.46 -26.24
CA PHE B 21 5.79 -6.23 -24.93
C PHE B 21 5.57 -7.56 -24.32
N GLU B 22 6.13 -7.74 -23.14
CA GLU B 22 5.90 -8.96 -22.37
C GLU B 22 4.66 -8.83 -21.50
N THR B 23 4.01 -9.96 -21.18
CA THR B 23 2.74 -9.92 -20.43
C THR B 23 2.73 -10.98 -19.37
N GLY B 24 1.92 -10.75 -18.33
CA GLY B 24 1.74 -11.79 -17.35
C GLY B 24 2.72 -11.69 -16.22
N MET B 25 2.81 -12.81 -15.48
CA MET B 25 3.63 -12.83 -14.24
C MET B 25 4.84 -13.70 -14.40
N GLY B 26 5.11 -14.14 -15.63
CA GLY B 26 6.26 -14.99 -15.88
C GLY B 26 6.22 -16.26 -15.06
N TYR B 27 7.39 -16.66 -14.61
CA TYR B 27 7.51 -17.85 -13.75
C TYR B 27 7.79 -17.41 -12.31
N ASN B 28 6.87 -17.69 -11.35
CA ASN B 28 7.03 -17.27 -9.95
C ASN B 28 7.34 -15.78 -9.82
N GLY B 29 6.49 -15.02 -10.47
CA GLY B 29 6.62 -13.53 -10.45
C GLY B 29 7.93 -13.10 -11.10
N TRP B 30 8.13 -13.51 -12.37
CA TRP B 30 9.34 -13.14 -13.14
C TRP B 30 10.62 -13.58 -12.43
N GLY B 31 10.53 -14.70 -11.72
CA GLY B 31 11.66 -15.30 -11.07
C GLY B 31 12.01 -14.66 -9.73
N ASN B 32 11.25 -13.65 -9.30
CA ASN B 32 11.59 -12.95 -8.04
C ASN B 32 10.38 -12.71 -7.14
N ASN B 33 9.30 -13.48 -7.35
CA ASN B 33 8.03 -13.30 -6.63
C ASN B 33 7.41 -11.89 -6.72
N GLU B 34 7.59 -11.26 -7.88
CA GLU B 34 7.01 -9.94 -8.19
C GLU B 34 5.50 -10.08 -8.24
N LEU B 35 4.82 -8.99 -7.99
CA LEU B 35 3.35 -9.01 -7.81
C LEU B 35 2.53 -8.47 -8.96
N GLN B 36 3.19 -7.91 -10.00
CA GLN B 36 2.46 -7.30 -11.08
C GLN B 36 2.25 -8.28 -12.24
N TYR B 37 1.20 -8.00 -13.02
CA TYR B 37 0.95 -8.69 -14.22
C TYR B 37 1.29 -7.66 -15.27
N TYR B 38 2.24 -7.99 -16.13
CA TYR B 38 2.54 -7.03 -17.25
C TYR B 38 1.53 -6.99 -18.38
N ARG B 39 1.30 -5.79 -18.90
CA ARG B 39 0.38 -5.64 -20.00
C ARG B 39 0.92 -4.62 -21.00
N ARG B 40 0.56 -4.84 -22.27
CA ARG B 40 0.84 -3.85 -23.29
C ARG B 40 0.25 -2.44 -22.98
N GLU B 41 -0.92 -2.42 -22.34
CA GLU B 41 -1.73 -1.24 -22.09
C GLU B 41 -1.05 -0.30 -21.12
N ASN B 42 -0.12 -0.84 -20.29
CA ASN B 42 0.62 -0.06 -19.34
C ASN B 42 1.86 0.68 -19.88
N ALA B 43 2.05 0.66 -21.19
CA ALA B 43 3.11 1.41 -21.81
C ALA B 43 2.49 2.31 -22.86
N ALA B 44 2.97 3.54 -22.90
CA ALA B 44 2.49 4.52 -23.91
C ALA B 44 3.56 5.58 -24.10
N VAL B 45 3.45 6.40 -25.12
CA VAL B 45 4.33 7.56 -25.25
C VAL B 45 3.49 8.82 -24.97
N GLU B 46 4.04 9.71 -24.15
CA GLU B 46 3.42 10.97 -23.80
C GLU B 46 4.55 12.01 -23.73
N ASN B 47 4.40 13.17 -24.43
CA ASN B 47 5.37 14.28 -24.36
CA ASN B 47 5.34 14.29 -24.27
C ASN B 47 6.79 13.84 -24.64
N GLY B 48 6.95 13.03 -25.69
CA GLY B 48 8.27 12.57 -26.09
C GLY B 48 8.92 11.52 -25.20
N ASN B 49 8.19 10.95 -24.23
CA ASN B 49 8.72 9.93 -23.32
C ASN B 49 7.95 8.65 -23.39
N LEU B 50 8.69 7.53 -23.31
CA LEU B 50 8.05 6.26 -22.97
C LEU B 50 7.54 6.40 -21.53
N VAL B 51 6.28 6.03 -21.29
CA VAL B 51 5.72 6.08 -19.95
C VAL B 51 5.35 4.64 -19.59
N ILE B 52 5.97 4.10 -18.53
CA ILE B 52 5.61 2.74 -18.06
C ILE B 52 4.87 3.03 -16.77
N THR B 53 3.60 2.61 -16.70
CA THR B 53 2.77 2.82 -15.49
C THR B 53 2.48 1.56 -14.74
N ALA B 54 2.75 1.60 -13.41
CA ALA B 54 2.37 0.55 -12.50
C ALA B 54 1.06 1.01 -11.88
N LYS B 55 0.05 0.13 -11.87
CA LYS B 55 -1.27 0.46 -11.31
C LYS B 55 -1.70 -0.54 -10.29
N HIS B 56 -2.59 -0.11 -9.37
CA HIS B 56 -3.28 -1.00 -8.45
C HIS B 56 -4.48 -1.39 -9.27
N GLU B 57 -4.45 -2.60 -9.86
CA GLU B 57 -5.45 -3.04 -10.79
C GLU B 57 -5.47 -4.57 -10.80
N ASN B 58 -6.64 -5.16 -10.61
CA ASN B 58 -6.73 -6.64 -10.66
C ASN B 58 -6.69 -7.13 -12.09
N PHE B 59 -5.77 -8.06 -12.36
CA PHE B 59 -5.67 -8.63 -13.69
C PHE B 59 -4.94 -9.94 -13.58
N GLY B 60 -5.49 -10.96 -14.23
CA GLY B 60 -4.94 -12.32 -14.11
C GLY B 60 -4.84 -12.68 -12.63
N GLY B 61 -3.68 -13.17 -12.21
CA GLY B 61 -3.57 -13.54 -10.80
C GLY B 61 -3.03 -12.42 -9.94
N ALA B 62 -3.01 -11.18 -10.45
CA ALA B 62 -2.32 -10.09 -9.81
C ALA B 62 -3.26 -8.97 -9.36
N GLN B 63 -2.73 -8.18 -8.45
CA GLN B 63 -3.41 -6.96 -7.95
C GLN B 63 -2.77 -5.72 -8.49
N TYR B 64 -1.75 -5.88 -9.36
CA TYR B 64 -1.06 -4.76 -9.95
C TYR B 64 -0.79 -5.05 -11.38
N THR B 65 -0.75 -4.01 -12.20
CA THR B 65 -0.37 -4.16 -13.61
C THR B 65 0.81 -3.22 -13.86
N SER B 66 1.65 -3.53 -14.83
CA SER B 66 2.77 -2.62 -15.18
C SER B 66 3.16 -3.05 -16.57
N ALA B 67 4.31 -2.59 -17.10
CA ALA B 67 4.77 -3.00 -18.46
C ALA B 67 6.21 -3.44 -18.36
N ARG B 68 6.60 -4.33 -19.26
CA ARG B 68 7.97 -4.81 -19.37
C ARG B 68 8.12 -4.98 -20.85
N MET B 69 9.20 -4.40 -21.36
CA MET B 69 9.45 -4.32 -22.79
C MET B 69 10.85 -4.81 -23.06
N LYS B 70 11.09 -5.40 -24.24
CA LYS B 70 12.40 -5.98 -24.53
C LYS B 70 12.64 -5.86 -25.99
N THR B 71 13.92 -5.82 -26.35
CA THR B 71 14.25 -5.75 -27.83
C THR B 71 14.64 -7.13 -28.43
N GLN B 72 14.45 -8.18 -27.65
CA GLN B 72 14.78 -9.55 -28.05
C GLN B 72 14.13 -9.90 -29.37
N GLY B 73 14.98 -10.45 -30.23
CA GLY B 73 14.59 -10.87 -31.53
C GLY B 73 14.49 -9.67 -32.52
N ARG B 74 14.77 -8.44 -32.10
CA ARG B 74 14.66 -7.26 -33.06
C ARG B 74 15.96 -6.46 -33.02
N LYS B 75 16.48 -6.15 -31.83
CA LYS B 75 17.73 -5.42 -31.77
C LYS B 75 18.59 -6.01 -30.70
N SER B 76 19.82 -6.33 -31.05
CA SER B 76 20.74 -6.85 -29.99
C SER B 76 22.12 -6.37 -30.33
N PHE B 77 23.03 -6.41 -29.36
CA PHE B 77 24.30 -5.72 -29.46
C PHE B 77 25.33 -6.49 -28.73
N LYS B 78 26.52 -6.56 -29.35
CA LYS B 78 27.71 -7.10 -28.69
C LYS B 78 28.63 -5.88 -28.45
N TYR B 79 28.86 -5.50 -27.16
CA TYR B 79 29.63 -4.31 -26.75
C TYR B 79 28.96 -2.98 -27.06
N GLY B 80 29.40 -1.94 -26.35
CA GLY B 80 29.01 -0.59 -26.71
C GLY B 80 28.71 0.22 -25.50
N LYS B 81 28.23 1.44 -25.75
CA LYS B 81 27.74 2.34 -24.68
C LYS B 81 26.23 2.30 -24.84
N ILE B 82 25.60 1.81 -23.79
CA ILE B 82 24.11 1.65 -23.81
C ILE B 82 23.58 2.56 -22.73
N GLU B 83 22.71 3.48 -23.11
CA GLU B 83 22.22 4.49 -22.16
C GLU B 83 20.74 4.79 -22.29
N ALA B 84 20.16 5.37 -21.23
CA ALA B 84 18.78 5.83 -21.25
C ALA B 84 18.66 6.99 -20.28
N ARG B 85 17.78 7.91 -20.67
CA ARG B 85 17.52 9.08 -19.85
C ARG B 85 16.21 8.82 -19.14
N ILE B 86 16.27 8.56 -17.81
CA ILE B 86 15.08 8.12 -17.14
C ILE B 86 14.76 8.94 -15.91
N ALA B 87 13.47 9.20 -15.70
CA ALA B 87 13.01 9.82 -14.42
C ALA B 87 12.14 8.82 -13.70
N LEU B 88 12.31 8.69 -12.36
CA LEU B 88 11.65 7.61 -11.65
C LEU B 88 10.68 8.03 -10.57
N PRO B 89 9.53 7.30 -10.45
CA PRO B 89 8.59 7.60 -9.35
C PRO B 89 9.11 6.94 -8.10
N SER B 90 8.58 7.29 -6.94
CA SER B 90 9.05 6.68 -5.73
C SER B 90 7.85 6.10 -5.03
N GLY B 91 8.07 5.04 -4.28
CA GLY B 91 6.97 4.42 -3.56
C GLY B 91 7.40 3.06 -3.12
N GLN B 92 7.04 2.71 -1.90
CA GLN B 92 7.31 1.39 -1.39
C GLN B 92 6.73 0.33 -2.33
N GLY B 93 7.58 -0.61 -2.71
CA GLY B 93 7.25 -1.71 -3.61
C GLY B 93 7.73 -1.51 -5.05
N LEU B 94 7.96 -0.25 -5.48
CA LEU B 94 8.35 0.01 -6.90
C LEU B 94 9.77 -0.45 -7.17
N TRP B 95 9.92 -1.17 -8.27
CA TRP B 95 11.20 -1.76 -8.69
C TRP B 95 11.42 -1.59 -10.20
N PRO B 96 11.84 -0.37 -10.62
CA PRO B 96 12.14 -0.13 -12.05
C PRO B 96 13.49 -0.72 -12.45
N ALA B 97 13.69 -1.03 -13.76
CA ALA B 97 14.98 -1.50 -14.17
C ALA B 97 15.20 -1.16 -15.58
N PHE B 98 16.47 -0.93 -15.93
CA PHE B 98 16.86 -0.74 -17.37
C PHE B 98 18.00 -1.70 -17.47
N TRP B 99 17.92 -2.67 -18.38
CA TRP B 99 18.84 -3.79 -18.29
C TRP B 99 18.97 -4.56 -19.57
N MET B 100 19.80 -5.60 -19.57
CA MET B 100 20.12 -6.32 -20.81
C MET B 100 20.26 -7.78 -20.46
N LEU B 101 19.91 -8.67 -21.40
CA LEU B 101 20.07 -10.11 -21.23
C LEU B 101 20.67 -10.70 -22.49
N GLY B 102 21.45 -11.77 -22.35
CA GLY B 102 22.05 -12.37 -23.54
C GLY B 102 20.95 -12.99 -24.42
N ASN B 103 21.08 -12.81 -25.73
CA ASN B 103 20.16 -13.47 -26.65
C ASN B 103 20.02 -14.96 -26.43
N ASN B 104 21.10 -15.61 -25.99
CA ASN B 104 21.07 -17.09 -25.74
C ASN B 104 20.27 -17.51 -24.47
N ILE B 105 19.54 -16.57 -23.83
CA ILE B 105 18.61 -16.93 -22.76
C ILE B 105 17.66 -18.04 -23.27
N THR B 106 17.35 -17.95 -24.56
CA THR B 106 16.47 -18.91 -25.23
C THR B 106 17.03 -20.38 -25.19
N SER B 107 18.35 -20.55 -25.04
N SER B 107 18.35 -20.57 -25.05
CA SER B 107 18.96 -21.88 -25.02
CA SER B 107 18.97 -21.89 -25.02
C SER B 107 19.57 -22.22 -23.67
C SER B 107 19.57 -22.23 -23.66
N VAL B 108 20.27 -21.25 -23.08
CA VAL B 108 20.93 -21.55 -21.79
C VAL B 108 20.19 -21.04 -20.57
N SER B 109 19.13 -20.25 -20.75
N SER B 109 19.08 -20.33 -20.74
CA SER B 109 18.29 -19.76 -19.64
CA SER B 109 18.29 -19.81 -19.58
C SER B 109 19.02 -18.63 -18.85
C SER B 109 19.07 -18.77 -18.80
N TRP B 110 18.53 -18.40 -17.64
CA TRP B 110 19.08 -17.39 -16.76
C TRP B 110 19.57 -18.13 -15.54
N PRO B 111 20.74 -17.77 -14.98
CA PRO B 111 21.58 -16.60 -15.33
C PRO B 111 22.68 -16.89 -16.35
N ALA B 112 22.75 -18.15 -16.85
CA ALA B 112 23.84 -18.54 -17.79
C ALA B 112 23.91 -17.60 -18.97
N CYS B 113 22.78 -17.01 -19.32
CA CYS B 113 22.75 -16.11 -20.49
C CYS B 113 23.50 -14.80 -20.26
N GLY B 114 23.71 -14.44 -18.99
CA GLY B 114 24.32 -13.15 -18.69
C GLY B 114 23.26 -12.08 -18.54
N GLU B 115 23.47 -11.16 -17.59
CA GLU B 115 22.58 -10.06 -17.38
C GLU B 115 23.38 -8.84 -17.03
N ILE B 116 23.10 -7.73 -17.73
CA ILE B 116 23.68 -6.45 -17.36
C ILE B 116 22.57 -5.56 -16.84
N ASP B 117 22.54 -5.31 -15.53
CA ASP B 117 21.57 -4.38 -14.98
CA ASP B 117 21.59 -4.44 -14.94
C ASP B 117 22.20 -3.01 -15.03
N ILE B 118 21.72 -2.18 -15.98
CA ILE B 118 22.32 -0.84 -16.16
C ILE B 118 21.88 0.06 -14.98
N MET B 119 20.58 -0.01 -14.66
CA MET B 119 20.01 0.76 -13.56
C MET B 119 18.92 -0.07 -12.98
N SER B 120 18.94 -0.26 -11.68
CA SER B 120 17.72 -0.74 -11.03
C SER B 120 17.64 0.02 -9.69
N ARG B 121 16.43 0.12 -9.16
CA ARG B 121 16.17 0.82 -7.95
C ARG B 121 15.00 0.16 -7.25
N ILE B 122 14.99 0.25 -5.91
CA ILE B 122 13.84 -0.23 -5.17
C ILE B 122 13.26 0.83 -4.23
N ASN B 123 11.94 0.79 -4.10
CA ASN B 123 11.24 1.56 -3.00
C ASN B 123 11.50 3.04 -3.10
N ASN B 124 11.89 3.68 -2.00
CA ASN B 124 12.22 5.13 -2.00
C ASN B 124 13.72 5.38 -1.85
N ALA B 125 14.54 4.35 -2.15
CA ALA B 125 16.01 4.44 -1.93
C ALA B 125 16.61 5.62 -2.72
N LEU B 126 17.56 6.31 -2.09
CA LEU B 126 18.27 7.45 -2.78
C LEU B 126 19.55 6.93 -3.40
N GLN B 127 19.45 5.77 -4.02
CA GLN B 127 20.55 5.13 -4.70
C GLN B 127 19.99 4.27 -5.80
N THR B 128 20.83 3.99 -6.79
CA THR B 128 20.48 3.06 -7.88
C THR B 128 21.64 2.08 -7.96
N HIS B 129 21.40 0.92 -8.56
CA HIS B 129 22.36 -0.17 -8.64
C HIS B 129 22.79 -0.43 -10.05
N GLY B 130 23.96 -1.06 -10.22
CA GLY B 130 24.52 -1.52 -11.53
C GLY B 130 25.13 -2.85 -11.14
N THR B 131 24.70 -3.88 -11.84
CA THR B 131 25.00 -5.23 -11.48
C THR B 131 25.13 -6.12 -12.70
N ILE B 132 25.96 -7.16 -12.62
CA ILE B 132 25.90 -8.25 -13.61
C ILE B 132 25.49 -9.54 -12.88
N HIS B 133 24.74 -10.39 -13.57
CA HIS B 133 24.37 -11.72 -13.07
C HIS B 133 24.79 -12.68 -14.12
N TRP B 134 25.31 -13.83 -13.71
CA TRP B 134 25.77 -14.85 -14.65
C TRP B 134 25.93 -16.18 -13.98
N SER B 135 26.34 -17.19 -14.75
CA SER B 135 26.52 -18.53 -14.19
C SER B 135 28.01 -18.69 -14.19
N ASP B 136 28.62 -18.93 -13.03
CA ASP B 136 30.08 -19.10 -12.98
C ASP B 136 30.50 -20.48 -13.57
N GLN B 137 31.80 -20.72 -13.69
CA GLN B 137 32.30 -21.94 -14.30
C GLN B 137 31.93 -23.22 -13.49
N ASN B 138 31.58 -23.07 -12.20
CA ASN B 138 31.03 -24.18 -11.42
C ASN B 138 29.47 -24.37 -11.65
N GLY B 139 28.85 -23.58 -12.54
CA GLY B 139 27.39 -23.60 -12.80
C GLY B 139 26.50 -22.91 -11.76
N ASP B 140 27.09 -22.14 -10.85
CA ASP B 140 26.38 -21.43 -9.75
C ASP B 140 26.02 -20.00 -10.10
N HIS B 141 24.85 -19.54 -9.63
CA HIS B 141 24.40 -18.16 -9.77
CA HIS B 141 24.44 -18.12 -9.85
C HIS B 141 25.53 -17.26 -9.28
N ALA B 142 25.90 -16.22 -9.97
CA ALA B 142 26.92 -15.31 -9.53
C ALA B 142 26.45 -13.93 -9.85
N SER B 143 26.84 -12.96 -9.01
CA SER B 143 26.49 -11.59 -9.32
C SER B 143 27.52 -10.71 -8.74
N TYR B 144 27.61 -9.52 -9.35
CA TYR B 144 28.52 -8.53 -8.81
C TYR B 144 27.91 -7.19 -9.10
N GLY B 145 27.70 -6.41 -8.04
CA GLY B 145 27.06 -5.12 -8.21
C GLY B 145 27.46 -4.12 -7.20
N ASP B 146 27.07 -2.88 -7.43
CA ASP B 146 27.34 -1.81 -6.49
C ASP B 146 26.21 -0.78 -6.65
N ASP B 147 26.20 0.21 -5.78
CA ASP B 147 25.25 1.24 -5.97
C ASP B 147 25.89 2.66 -5.88
N VAL B 148 25.10 3.68 -6.15
CA VAL B 148 25.59 5.05 -6.18
C VAL B 148 24.48 5.92 -5.67
N GLY B 149 24.84 6.92 -4.87
CA GLY B 149 23.86 7.89 -4.39
C GLY B 149 23.25 8.69 -5.55
N VAL B 150 21.93 8.78 -5.54
CA VAL B 150 21.17 9.59 -6.52
C VAL B 150 20.16 10.25 -5.56
N SER B 151 20.42 11.50 -5.13
CA SER B 151 19.58 12.15 -4.17
C SER B 151 18.21 12.54 -4.72
N ASP B 152 18.09 12.67 -6.06
CA ASP B 152 16.84 13.08 -6.71
C ASP B 152 16.46 12.13 -7.87
N PRO B 153 16.12 10.84 -7.57
CA PRO B 153 15.81 9.93 -8.70
C PRO B 153 14.56 10.35 -9.52
N GLY B 154 13.69 11.23 -8.97
CA GLY B 154 12.55 11.78 -9.74
C GLY B 154 12.95 12.70 -10.89
N GLN B 155 14.18 13.23 -10.91
CA GLN B 155 14.73 14.04 -11.98
C GLN B 155 15.27 13.08 -13.05
N TYR B 156 15.36 13.55 -14.29
CA TYR B 156 16.01 12.71 -15.26
C TYR B 156 17.49 12.51 -14.90
N HIS B 157 17.98 11.28 -15.10
CA HIS B 157 19.42 10.99 -15.06
C HIS B 157 19.75 10.14 -16.26
N ILE B 158 21.02 10.18 -16.71
CA ILE B 158 21.47 9.31 -17.81
C ILE B 158 22.11 8.11 -17.12
N TYR B 159 21.51 6.95 -17.31
CA TYR B 159 22.04 5.69 -16.78
C TYR B 159 22.72 5.01 -17.96
N SER B 160 23.99 4.59 -17.81
CA SER B 160 24.68 3.95 -18.95
C SER B 160 25.68 2.93 -18.51
N VAL B 161 26.02 2.03 -19.44
CA VAL B 161 27.18 1.18 -19.29
C VAL B 161 28.08 1.38 -20.48
N GLU B 162 29.38 1.13 -20.30
CA GLU B 162 30.31 1.01 -21.46
C GLU B 162 30.78 -0.41 -21.34
N TRP B 163 30.64 -1.18 -22.41
CA TRP B 163 30.88 -2.60 -22.35
C TRP B 163 31.68 -3.05 -23.52
N ASP B 164 32.90 -3.50 -23.25
CA ASP B 164 33.81 -3.95 -24.33
C ASP B 164 34.26 -5.37 -24.02
N ALA B 165 35.23 -5.89 -24.79
CA ALA B 165 35.73 -7.27 -24.65
C ALA B 165 36.34 -7.52 -23.26
N ASN B 166 36.80 -6.45 -22.62
CA ASN B 166 37.51 -6.60 -21.30
C ASN B 166 36.78 -6.19 -20.05
N SER B 167 35.79 -5.32 -20.18
CA SER B 167 35.16 -4.84 -18.98
C SER B 167 33.78 -4.24 -19.23
N ILE B 168 33.05 -4.08 -18.12
CA ILE B 168 31.78 -3.36 -18.16
C ILE B 168 31.93 -2.28 -17.09
N LYS B 169 31.57 -1.05 -17.48
CA LYS B 169 31.61 0.07 -16.55
C LYS B 169 30.23 0.69 -16.52
N TRP B 170 29.82 1.14 -15.35
CA TRP B 170 28.52 1.78 -15.03
C TRP B 170 28.69 3.22 -14.66
N PHE B 171 27.74 4.01 -15.16
CA PHE B 171 27.73 5.45 -14.99
C PHE B 171 26.33 5.98 -14.69
N VAL B 172 26.28 7.07 -13.94
CA VAL B 172 25.06 7.84 -13.76
C VAL B 172 25.52 9.23 -14.08
N ASP B 173 24.88 9.84 -15.08
CA ASP B 173 25.26 11.21 -15.54
C ASP B 173 26.77 11.33 -15.86
N GLY B 174 27.32 10.30 -16.50
CA GLY B 174 28.76 10.24 -16.85
C GLY B 174 29.74 10.00 -15.68
N GLN B 175 29.20 9.78 -14.48
CA GLN B 175 30.00 9.54 -13.26
CA GLN B 175 30.05 9.54 -13.28
C GLN B 175 30.13 8.03 -13.08
N GLN B 176 31.36 7.48 -13.19
CA GLN B 176 31.53 6.03 -13.02
C GLN B 176 31.29 5.59 -11.57
N PHE B 177 30.62 4.47 -11.34
CA PHE B 177 30.41 3.96 -10.00
C PHE B 177 30.63 2.43 -9.83
N ASN B 178 30.81 1.71 -10.95
CA ASN B 178 31.05 0.28 -10.92
C ASN B 178 31.84 -0.13 -12.13
N GLU B 179 32.59 -1.22 -11.99
CA GLU B 179 33.37 -1.81 -13.09
C GLU B 179 33.55 -3.28 -12.75
N VAL B 180 33.52 -4.12 -13.78
CA VAL B 180 33.76 -5.55 -13.64
C VAL B 180 34.69 -5.97 -14.76
N ASP B 181 35.55 -6.91 -14.44
CA ASP B 181 36.49 -7.49 -15.31
C ASP B 181 35.83 -8.69 -16.02
N ILE B 182 35.75 -8.64 -17.34
CA ILE B 182 35.24 -9.82 -18.10
C ILE B 182 36.28 -10.39 -19.04
N SER B 183 37.51 -9.86 -19.00
CA SER B 183 38.52 -10.22 -20.00
C SER B 183 38.78 -11.72 -20.04
N ASN B 184 38.78 -12.28 -21.25
CA ASN B 184 39.04 -13.73 -21.50
C ASN B 184 38.07 -14.68 -20.80
N GLY B 185 36.90 -14.17 -20.42
CA GLY B 185 35.84 -14.98 -19.77
C GLY B 185 36.26 -15.32 -18.37
N VAL B 186 37.12 -14.50 -17.79
CA VAL B 186 37.60 -14.70 -16.39
C VAL B 186 36.38 -14.86 -15.44
N ASN B 187 36.50 -15.77 -14.44
CA ASN B 187 35.42 -16.00 -13.44
C ASN B 187 34.10 -16.44 -14.07
N GLY B 188 34.24 -17.19 -15.17
CA GLY B 188 33.12 -17.74 -15.91
C GLY B 188 32.25 -16.70 -16.63
N THR B 189 32.81 -15.53 -16.97
CA THR B 189 32.04 -14.44 -17.64
C THR B 189 32.00 -14.51 -19.15
N GLY B 190 32.32 -15.67 -19.73
CA GLY B 190 32.38 -15.83 -21.17
C GLY B 190 31.11 -15.40 -21.91
N GLU B 191 29.95 -15.53 -21.27
CA GLU B 191 28.69 -15.14 -21.95
C GLU B 191 28.57 -13.65 -22.25
N PHE B 192 29.42 -12.81 -21.61
CA PHE B 192 29.44 -11.34 -21.85
C PHE B 192 30.16 -11.00 -23.15
N GLN B 193 30.57 -12.04 -23.87
CA GLN B 193 31.17 -11.86 -25.23
C GLN B 193 30.13 -12.05 -26.32
N ASN B 194 28.88 -12.22 -25.93
CA ASN B 194 27.79 -12.47 -26.89
C ASN B 194 26.86 -11.29 -27.06
N GLU B 195 25.87 -11.41 -27.97
CA GLU B 195 24.93 -10.34 -28.22
C GLU B 195 23.87 -10.33 -27.12
N PHE B 196 23.49 -9.11 -26.70
CA PHE B 196 22.50 -8.91 -25.61
C PHE B 196 21.37 -8.02 -26.13
N PHE B 197 20.12 -8.29 -25.68
CA PHE B 197 19.03 -7.38 -26.01
C PHE B 197 18.78 -6.47 -24.79
N ILE B 198 17.95 -5.45 -24.98
CA ILE B 198 17.62 -4.46 -23.96
C ILE B 198 16.22 -4.66 -23.44
N LEU B 199 16.04 -4.32 -22.16
CA LEU B 199 14.76 -4.37 -21.46
C LEU B 199 14.53 -3.13 -20.58
N LEU B 200 13.25 -2.77 -20.46
CA LEU B 200 12.80 -1.72 -19.55
C LEU B 200 11.57 -2.26 -18.87
N ASN B 201 11.46 -2.07 -17.56
CA ASN B 201 10.22 -2.47 -16.94
C ASN B 201 10.08 -1.74 -15.61
N MET B 202 8.87 -1.74 -15.09
CA MET B 202 8.77 -1.48 -13.61
C MET B 202 7.98 -2.58 -12.90
N ALA B 203 8.58 -3.24 -11.90
CA ALA B 203 7.94 -4.34 -11.20
C ALA B 203 7.34 -3.74 -9.93
N VAL B 204 6.37 -4.42 -9.35
CA VAL B 204 5.77 -4.01 -8.08
C VAL B 204 5.97 -5.19 -7.16
N GLY B 205 6.72 -4.99 -6.07
CA GLY B 205 6.99 -6.05 -5.08
C GLY B 205 8.00 -7.07 -5.57
N GLY B 206 8.42 -7.96 -4.69
CA GLY B 206 9.37 -9.00 -5.11
C GLY B 206 10.33 -9.21 -3.99
N ASP B 207 11.21 -10.20 -4.14
CA ASP B 207 12.20 -10.55 -3.08
CA ASP B 207 12.20 -10.56 -3.08
C ASP B 207 13.05 -9.38 -2.63
N TRP B 208 13.37 -8.46 -3.55
CA TRP B 208 14.30 -7.37 -3.25
C TRP B 208 13.64 -6.16 -2.64
N PRO B 209 12.63 -5.60 -3.32
CA PRO B 209 11.90 -4.44 -2.72
C PRO B 209 11.01 -4.85 -1.52
N GLY B 210 10.63 -6.14 -1.42
CA GLY B 210 9.77 -6.60 -0.30
C GLY B 210 8.36 -6.71 -0.86
N PHE B 211 7.46 -7.15 0.01
CA PHE B 211 6.07 -7.43 -0.36
C PHE B 211 5.03 -6.41 0.13
N ASP B 212 5.51 -5.31 0.69
CA ASP B 212 4.66 -4.23 1.13
C ASP B 212 4.69 -3.21 -0.01
N VAL B 213 3.51 -2.82 -0.42
CA VAL B 213 3.36 -1.86 -1.48
C VAL B 213 2.56 -0.68 -0.96
N ASP B 214 3.07 0.53 -1.25
CA ASP B 214 2.37 1.73 -0.88
C ASP B 214 1.40 1.99 -2.00
N GLN B 215 0.18 1.49 -1.85
CA GLN B 215 -0.79 1.65 -3.00
C GLN B 215 -1.23 3.10 -3.24
N SER B 216 -0.96 3.97 -2.27
CA SER B 216 -1.34 5.37 -2.40
C SER B 216 -0.39 6.07 -3.39
N LYS B 217 0.76 5.46 -3.68
CA LYS B 217 1.72 6.00 -4.68
C LYS B 217 1.44 5.43 -6.09
N LEU B 218 0.35 4.70 -6.26
CA LEU B 218 -0.05 4.16 -7.58
C LEU B 218 -1.23 4.98 -8.05
N PRO B 219 -1.33 5.25 -9.35
CA PRO B 219 -0.45 4.83 -10.47
C PRO B 219 0.87 5.54 -10.38
N ALA B 220 1.96 4.82 -10.66
CA ALA B 220 3.31 5.37 -10.66
C ALA B 220 3.88 5.26 -12.05
N GLN B 221 4.54 6.33 -12.49
CA GLN B 221 4.99 6.36 -13.89
C GLN B 221 6.47 6.54 -14.03
N MET B 222 7.10 5.57 -14.69
CA MET B 222 8.51 5.59 -15.02
C MET B 222 8.59 6.26 -16.41
N LEU B 223 9.46 7.26 -16.56
CA LEU B 223 9.57 8.03 -17.83
C LEU B 223 10.90 7.78 -18.46
N VAL B 224 10.88 7.34 -19.71
CA VAL B 224 12.14 7.11 -20.41
C VAL B 224 12.11 8.03 -21.64
N ASP B 225 12.99 9.02 -21.63
CA ASP B 225 13.02 10.03 -22.68
C ASP B 225 13.59 9.38 -23.95
N TYR B 226 14.59 8.50 -23.78
CA TYR B 226 15.19 7.85 -24.95
C TYR B 226 16.05 6.71 -24.49
N VAL B 227 16.31 5.79 -25.39
CA VAL B 227 17.34 4.76 -25.19
C VAL B 227 18.26 4.94 -26.42
N ARG B 228 19.58 4.92 -26.21
CA ARG B 228 20.61 5.08 -27.27
C ARG B 228 21.73 4.11 -27.07
N VAL B 229 22.17 3.53 -28.19
CA VAL B 229 23.28 2.60 -28.22
C VAL B 229 24.34 3.13 -29.19
N TYR B 230 25.56 3.20 -28.68
CA TYR B 230 26.72 3.67 -29.43
C TYR B 230 27.72 2.55 -29.47
N GLN B 231 28.41 2.42 -30.61
CA GLN B 231 29.51 1.41 -30.75
C GLN B 231 30.70 2.05 -31.43
N LYS B 232 31.87 1.51 -31.20
CA LYS B 232 33.10 2.02 -31.88
C LYS B 232 33.61 0.98 -32.84
#